data_2NZI
#
_entry.id   2NZI
#
_cell.length_a   125.890
_cell.length_b   125.890
_cell.length_c   134.100
_cell.angle_alpha   90.00
_cell.angle_beta   90.00
_cell.angle_gamma   120.00
#
_symmetry.space_group_name_H-M   'P 31 2 1'
#
loop_
_entity.id
_entity.type
_entity.pdbx_description
1 polymer Titin
2 water water
#
_entity_poly.entity_id   1
_entity_poly.type   'polypeptide(L)'
_entity_poly.pdbx_seq_one_letter_code
;GAMAPHFKEELRNLNVRYQSNATLVCKVTGHPKPIVKWYRQGKEIIADGLKYRIQEFKGGYHQLIIASVTDDDATVYQVR
ATNQGGSVSGTASLEVEVPAKIHLPKTLEGMGAVHALRGEVVSIKIPFSGKPDPVITWQKGQDLIDNNGHYQVIVTRSFT
SLVFPNGVERKDAGFYVVCAKNRFGIDQKTVELDVADVPDPPRGVKVSDVSRDSVNLTWTEPASDGGSKITNYIVEKCAT
TAERWLRVGQARETRYTVINLFGKTSYQFRVIAENKFGLSKPSEPSEPTITKEDKTRAMNYDEEV
;
_entity_poly.pdbx_strand_id   A,B
#
# COMPACT_ATOMS: atom_id res chain seq x y z
N ALA A 2 -40.06 104.80 -15.92
CA ALA A 2 -40.90 104.87 -17.15
C ALA A 2 -41.93 103.72 -17.22
N MET A 3 -41.47 102.52 -17.59
CA MET A 3 -42.33 101.34 -17.74
C MET A 3 -42.72 100.56 -16.48
N ALA A 4 -43.76 99.73 -16.60
CA ALA A 4 -44.26 98.90 -15.52
C ALA A 4 -43.66 97.51 -15.58
N PRO A 5 -44.00 96.63 -14.62
CA PRO A 5 -43.40 95.29 -14.68
C PRO A 5 -44.05 94.44 -15.78
N HIS A 6 -43.21 93.76 -16.55
CA HIS A 6 -43.66 92.89 -17.62
C HIS A 6 -42.73 91.67 -17.72
N PHE A 7 -43.31 90.50 -17.99
CA PHE A 7 -42.55 89.26 -18.13
C PHE A 7 -41.99 89.09 -19.54
N LYS A 8 -40.73 89.43 -19.76
CA LYS A 8 -40.14 89.31 -21.10
C LYS A 8 -40.07 87.85 -21.51
N GLU A 9 -40.04 86.97 -20.52
CA GLU A 9 -40.01 85.52 -20.72
C GLU A 9 -40.80 84.97 -19.53
N GLU A 10 -41.93 84.33 -19.83
CA GLU A 10 -42.83 83.77 -18.83
C GLU A 10 -42.31 82.59 -18.00
N LEU A 11 -43.25 81.94 -17.30
CA LEU A 11 -42.95 80.81 -16.45
C LEU A 11 -43.24 79.55 -17.21
N ARG A 12 -42.22 78.72 -17.37
CA ARG A 12 -42.33 77.46 -18.10
C ARG A 12 -42.79 76.29 -17.21
N ASN A 13 -43.93 75.70 -17.52
CA ASN A 13 -44.40 74.54 -16.77
C ASN A 13 -43.31 73.48 -16.90
N LEU A 14 -43.32 72.45 -16.06
CA LEU A 14 -42.28 71.42 -16.19
C LEU A 14 -42.42 70.06 -15.51
N ASN A 15 -41.84 69.06 -16.18
CA ASN A 15 -41.86 67.69 -15.71
C ASN A 15 -40.43 67.29 -15.39
N VAL A 16 -40.25 66.73 -14.20
CA VAL A 16 -38.97 66.32 -13.68
C VAL A 16 -38.98 64.85 -13.31
N ARG A 17 -37.79 64.25 -13.21
CA ARG A 17 -37.67 62.86 -12.78
C ARG A 17 -37.69 62.94 -11.25
N TYR A 18 -38.36 61.99 -10.59
CA TYR A 18 -38.49 61.94 -9.13
C TYR A 18 -37.20 62.25 -8.33
N GLN A 19 -37.29 63.23 -7.43
CA GLN A 19 -36.16 63.64 -6.58
C GLN A 19 -35.07 64.36 -7.32
N SER A 20 -35.40 64.81 -8.51
CA SER A 20 -34.47 65.55 -9.30
C SER A 20 -34.72 66.98 -8.84
N ASN A 21 -33.95 67.94 -9.36
CA ASN A 21 -34.13 69.32 -8.97
C ASN A 21 -34.89 70.06 -10.00
N ALA A 22 -35.95 70.74 -9.56
CA ALA A 22 -36.77 71.52 -10.46
C ALA A 22 -36.18 72.92 -10.56
N THR A 23 -36.33 73.53 -11.73
CA THR A 23 -35.82 74.88 -11.92
C THR A 23 -36.82 75.72 -12.68
N LEU A 24 -37.22 76.82 -12.07
CA LEU A 24 -38.16 77.73 -12.67
C LEU A 24 -37.50 79.09 -12.84
N VAL A 25 -37.56 79.63 -14.05
CA VAL A 25 -36.97 80.94 -14.31
C VAL A 25 -37.84 81.77 -15.22
N CYS A 26 -37.58 83.07 -15.24
CA CYS A 26 -38.31 84.03 -16.08
C CYS A 26 -37.50 85.31 -16.14
N LYS A 27 -37.81 86.13 -17.14
CA LYS A 27 -37.12 87.39 -17.31
C LYS A 27 -38.11 88.50 -17.06
N VAL A 28 -37.86 89.31 -16.04
CA VAL A 28 -38.77 90.40 -15.72
C VAL A 28 -38.24 91.74 -16.18
N THR A 29 -39.14 92.57 -16.66
CA THR A 29 -38.74 93.88 -17.13
C THR A 29 -39.58 95.00 -16.50
N GLY A 30 -39.08 96.24 -16.62
CA GLY A 30 -39.81 97.36 -16.06
C GLY A 30 -38.96 98.34 -15.27
N HIS A 31 -39.47 99.56 -15.16
CA HIS A 31 -38.78 100.64 -14.45
C HIS A 31 -39.71 101.37 -13.48
N PRO A 32 -39.28 101.51 -12.21
CA PRO A 32 -37.98 100.99 -11.76
C PRO A 32 -38.03 99.46 -11.66
N LYS A 33 -36.86 98.84 -11.56
CA LYS A 33 -36.71 97.39 -11.47
C LYS A 33 -37.75 96.77 -10.57
N PRO A 34 -38.61 95.89 -11.11
CA PRO A 34 -39.63 95.27 -10.27
C PRO A 34 -39.10 94.39 -9.16
N ILE A 35 -39.91 94.27 -8.11
CA ILE A 35 -39.61 93.46 -6.95
C ILE A 35 -40.30 92.13 -7.24
N VAL A 36 -39.53 91.05 -7.24
CA VAL A 36 -40.09 89.74 -7.53
C VAL A 36 -40.13 88.82 -6.32
N LYS A 37 -41.20 88.03 -6.25
CA LYS A 37 -41.40 87.08 -5.17
C LYS A 37 -42.02 85.76 -5.67
N TRP A 38 -41.61 84.65 -5.06
CA TRP A 38 -42.11 83.34 -5.43
C TRP A 38 -43.13 82.76 -4.42
N TYR A 39 -44.08 82.01 -4.97
CA TYR A 39 -45.14 81.40 -4.16
C TYR A 39 -45.38 79.93 -4.52
N ARG A 40 -45.73 79.16 -3.51
CA ARG A 40 -46.06 77.76 -3.71
C ARG A 40 -47.47 77.65 -3.17
N GLN A 41 -48.41 77.34 -4.06
CA GLN A 41 -49.83 77.20 -3.71
C GLN A 41 -50.33 78.50 -3.14
N GLY A 42 -49.78 79.60 -3.63
CA GLY A 42 -50.23 80.88 -3.15
C GLY A 42 -49.54 81.42 -1.92
N LYS A 43 -48.77 80.58 -1.23
CA LYS A 43 -48.04 81.03 -0.03
C LYS A 43 -46.63 81.48 -0.43
N GLU A 44 -46.22 82.68 0.00
CA GLU A 44 -44.87 83.16 -0.35
C GLU A 44 -43.80 82.23 0.13
N ILE A 45 -42.85 81.96 -0.76
CA ILE A 45 -41.73 81.11 -0.41
C ILE A 45 -40.67 81.97 0.27
N ILE A 46 -40.05 81.46 1.32
CA ILE A 46 -38.94 82.16 1.95
C ILE A 46 -37.79 81.18 1.82
N ALA A 47 -36.90 81.41 0.86
CA ALA A 47 -35.79 80.50 0.61
C ALA A 47 -34.93 80.17 1.81
N ASP A 48 -34.74 78.88 2.03
CA ASP A 48 -33.92 78.39 3.11
C ASP A 48 -32.57 77.95 2.50
N GLY A 49 -32.48 78.00 1.18
CA GLY A 49 -31.25 77.62 0.53
C GLY A 49 -31.00 76.13 0.54
N LEU A 50 -31.93 75.39 1.14
CA LEU A 50 -31.85 73.94 1.21
C LEU A 50 -32.87 73.30 0.30
N LYS A 51 -34.15 73.40 0.64
CA LYS A 51 -35.19 72.84 -0.20
C LYS A 51 -35.41 73.80 -1.36
N TYR A 52 -35.47 75.09 -1.02
CA TYR A 52 -35.67 76.15 -1.98
C TYR A 52 -34.50 77.13 -2.03
N ARG A 53 -34.24 77.63 -3.23
CA ARG A 53 -33.18 78.61 -3.42
C ARG A 53 -33.70 79.61 -4.47
N ILE A 54 -33.71 80.88 -4.09
CA ILE A 54 -34.20 81.92 -5.00
C ILE A 54 -33.05 82.80 -5.42
N GLN A 55 -32.87 82.93 -6.72
CA GLN A 55 -31.79 83.74 -7.24
C GLN A 55 -32.28 84.67 -8.33
N GLU A 56 -31.39 85.56 -8.75
CA GLU A 56 -31.66 86.44 -9.87
C GLU A 56 -30.33 86.71 -10.54
N PHE A 57 -30.37 87.07 -11.82
CA PHE A 57 -29.15 87.32 -12.56
C PHE A 57 -29.24 88.62 -13.40
N LYS A 58 -28.11 89.33 -13.52
CA LYS A 58 -28.06 90.55 -14.31
C LYS A 58 -28.90 90.38 -15.55
N GLY A 59 -29.78 91.33 -15.80
CA GLY A 59 -30.60 91.25 -16.99
C GLY A 59 -32.04 90.97 -16.64
N GLY A 60 -32.40 91.16 -15.36
CA GLY A 60 -33.76 90.94 -14.90
C GLY A 60 -34.25 89.49 -14.88
N TYR A 61 -33.31 88.55 -14.76
CA TYR A 61 -33.65 87.13 -14.73
C TYR A 61 -33.92 86.75 -13.28
N HIS A 62 -34.95 85.94 -13.06
CA HIS A 62 -35.32 85.50 -11.71
C HIS A 62 -35.60 84.03 -11.72
N GLN A 63 -35.00 83.32 -10.78
CA GLN A 63 -35.19 81.89 -10.76
C GLN A 63 -35.43 81.28 -9.41
N LEU A 64 -36.23 80.20 -9.43
CA LEU A 64 -36.56 79.42 -8.26
C LEU A 64 -36.03 77.99 -8.51
N ILE A 65 -35.31 77.44 -7.55
CA ILE A 65 -34.83 76.05 -7.65
C ILE A 65 -35.41 75.27 -6.45
N ILE A 66 -36.06 74.14 -6.75
CA ILE A 66 -36.64 73.30 -5.72
C ILE A 66 -35.79 72.05 -5.67
N ALA A 67 -35.16 71.78 -4.54
CA ALA A 67 -34.30 70.59 -4.43
C ALA A 67 -35.11 69.31 -4.19
N SER A 68 -34.57 68.20 -4.73
CA SER A 68 -35.15 66.87 -4.63
C SER A 68 -36.66 66.85 -4.66
N VAL A 69 -37.18 67.16 -5.84
CA VAL A 69 -38.62 67.21 -6.07
C VAL A 69 -39.32 65.88 -5.84
N THR A 70 -40.20 65.88 -4.85
CA THR A 70 -40.98 64.70 -4.50
C THR A 70 -42.43 65.04 -4.82
N ASP A 71 -43.34 64.15 -4.44
CA ASP A 71 -44.74 64.44 -4.73
C ASP A 71 -45.23 65.73 -4.09
N ASP A 72 -44.78 65.98 -2.86
CA ASP A 72 -45.21 67.16 -2.14
C ASP A 72 -44.90 68.46 -2.88
N ASP A 73 -43.98 68.41 -3.83
CA ASP A 73 -43.57 69.60 -4.57
C ASP A 73 -44.21 69.68 -5.92
N ALA A 74 -44.94 68.66 -6.29
CA ALA A 74 -45.58 68.68 -7.58
C ALA A 74 -46.91 69.41 -7.51
N THR A 75 -46.84 70.72 -7.37
CA THR A 75 -48.06 71.52 -7.31
C THR A 75 -47.87 72.80 -8.10
N VAL A 76 -48.64 73.82 -7.76
CA VAL A 76 -48.55 75.06 -8.48
C VAL A 76 -47.64 76.09 -7.83
N TYR A 77 -46.92 76.81 -8.67
CA TYR A 77 -46.01 77.85 -8.22
C TYR A 77 -46.36 79.15 -8.93
N GLN A 78 -46.32 80.26 -8.19
CA GLN A 78 -46.62 81.55 -8.78
C GLN A 78 -45.43 82.49 -8.62
N VAL A 79 -45.24 83.36 -9.60
CA VAL A 79 -44.16 84.34 -9.54
C VAL A 79 -44.85 85.70 -9.71
N ARG A 80 -44.40 86.70 -8.96
CA ARG A 80 -45.01 88.01 -9.04
C ARG A 80 -43.95 89.10 -9.03
N ALA A 81 -44.15 90.09 -9.88
CA ALA A 81 -43.23 91.21 -9.96
C ALA A 81 -44.05 92.48 -9.79
N THR A 82 -43.55 93.43 -9.00
CA THR A 82 -44.29 94.67 -8.79
C THR A 82 -43.40 95.91 -8.56
N ASN A 83 -43.83 97.05 -9.10
CA ASN A 83 -43.12 98.32 -8.91
C ASN A 83 -44.22 99.37 -8.79
N GLN A 84 -43.85 100.58 -8.37
CA GLN A 84 -44.85 101.65 -8.18
C GLN A 84 -45.93 101.78 -9.26
N GLY A 85 -45.55 101.52 -10.51
CA GLY A 85 -46.50 101.63 -11.61
C GLY A 85 -47.32 100.40 -11.93
N GLY A 86 -46.85 99.23 -11.51
CA GLY A 86 -47.62 98.04 -11.83
C GLY A 86 -47.30 96.79 -11.03
N SER A 87 -47.92 95.70 -11.46
CA SER A 87 -47.75 94.40 -10.83
C SER A 87 -48.32 93.28 -11.70
N VAL A 88 -47.43 92.43 -12.23
CA VAL A 88 -47.85 91.31 -13.05
C VAL A 88 -47.48 90.01 -12.34
N SER A 89 -48.17 88.92 -12.68
CA SER A 89 -47.93 87.63 -12.05
C SER A 89 -47.95 86.43 -13.00
N GLY A 90 -47.34 85.33 -12.59
CA GLY A 90 -47.33 84.14 -13.43
C GLY A 90 -47.45 82.86 -12.62
N THR A 91 -47.67 81.74 -13.31
CA THR A 91 -47.79 80.46 -12.61
C THR A 91 -47.14 79.33 -13.42
N ALA A 92 -46.79 78.27 -12.72
CA ALA A 92 -46.16 77.12 -13.33
C ALA A 92 -46.51 75.88 -12.54
N SER A 93 -46.61 74.76 -13.26
CA SER A 93 -46.95 73.50 -12.63
C SER A 93 -45.82 72.53 -12.73
N LEU A 94 -45.42 72.01 -11.57
CA LEU A 94 -44.36 71.03 -11.49
C LEU A 94 -45.01 69.66 -11.46
N GLU A 95 -44.46 68.73 -12.22
CA GLU A 95 -44.97 67.37 -12.33
C GLU A 95 -43.82 66.36 -12.42
N VAL A 96 -43.97 65.22 -11.76
CA VAL A 96 -42.94 64.17 -11.85
C VAL A 96 -43.55 63.12 -12.79
N GLU A 97 -43.01 62.96 -13.99
CA GLU A 97 -43.62 61.99 -14.89
C GLU A 97 -42.60 61.05 -15.52
N VAL A 98 -42.43 59.87 -14.92
CA VAL A 98 -41.47 58.92 -15.45
C VAL A 98 -42.13 57.62 -15.84
N PRO A 99 -41.96 57.22 -17.08
CA PRO A 99 -42.55 55.97 -17.60
C PRO A 99 -42.02 54.75 -16.86
N ALA A 100 -42.90 53.76 -16.71
CA ALA A 100 -42.60 52.52 -16.06
C ALA A 100 -41.49 51.76 -16.79
N LYS A 101 -40.55 51.24 -16.00
CA LYS A 101 -39.44 50.47 -16.53
C LYS A 101 -39.10 49.39 -15.51
N ILE A 102 -38.87 48.19 -15.99
CA ILE A 102 -38.56 47.08 -15.12
C ILE A 102 -37.05 46.95 -15.15
N HIS A 103 -36.41 46.63 -14.04
CA HIS A 103 -34.97 46.48 -14.09
C HIS A 103 -34.59 45.08 -13.66
N LEU A 104 -34.59 44.12 -14.59
CA LEU A 104 -34.24 42.75 -14.15
C LEU A 104 -32.81 42.72 -13.73
N PRO A 105 -32.48 41.89 -12.75
CA PRO A 105 -31.13 41.72 -12.25
C PRO A 105 -30.27 41.14 -13.39
N LYS A 106 -28.97 41.40 -13.38
CA LYS A 106 -28.12 40.94 -14.48
C LYS A 106 -28.29 39.45 -14.77
N THR A 107 -28.33 38.66 -13.70
CA THR A 107 -28.49 37.22 -13.80
C THR A 107 -29.69 36.82 -14.63
N LEU A 108 -30.65 37.72 -14.74
CA LEU A 108 -31.88 37.42 -15.47
C LEU A 108 -32.02 38.04 -16.86
N GLU A 109 -31.06 38.86 -17.27
CA GLU A 109 -31.12 39.52 -18.57
C GLU A 109 -30.85 38.57 -19.72
N GLY A 110 -29.84 37.73 -19.60
CA GLY A 110 -29.58 36.78 -20.67
C GLY A 110 -30.81 35.89 -20.78
N MET A 111 -31.03 35.31 -21.95
CA MET A 111 -32.19 34.44 -22.18
C MET A 111 -32.20 33.18 -21.30
N GLY A 112 -31.53 33.25 -20.15
CA GLY A 112 -31.47 32.09 -19.28
C GLY A 112 -32.48 31.94 -18.15
N ALA A 113 -33.10 30.77 -18.12
CA ALA A 113 -34.10 30.40 -17.13
C ALA A 113 -33.49 30.32 -15.73
N VAL A 114 -34.34 30.26 -14.70
CA VAL A 114 -33.84 30.12 -13.34
C VAL A 114 -34.22 28.70 -13.00
N HIS A 115 -33.25 27.94 -12.49
CA HIS A 115 -33.46 26.56 -12.16
C HIS A 115 -33.70 26.37 -10.66
N ALA A 116 -34.89 25.94 -10.33
CA ALA A 116 -35.27 25.75 -8.96
C ALA A 116 -35.33 24.27 -8.65
N LEU A 117 -34.78 23.93 -7.48
CA LEU A 117 -34.73 22.56 -7.00
C LEU A 117 -36.12 22.20 -6.49
N ARG A 118 -36.75 21.19 -7.11
CA ARG A 118 -38.08 20.83 -6.66
C ARG A 118 -38.17 20.83 -5.13
N GLY A 119 -39.23 21.47 -4.64
CA GLY A 119 -39.47 21.53 -3.22
C GLY A 119 -38.89 22.76 -2.58
N GLU A 120 -37.96 23.41 -3.26
CA GLU A 120 -37.35 24.61 -2.71
C GLU A 120 -38.20 25.86 -2.87
N VAL A 121 -38.31 26.62 -1.79
CA VAL A 121 -39.03 27.87 -1.86
C VAL A 121 -38.22 28.77 -2.80
N VAL A 122 -38.89 29.63 -3.55
CA VAL A 122 -38.21 30.54 -4.47
C VAL A 122 -38.88 31.91 -4.49
N SER A 123 -38.05 32.93 -4.69
CA SER A 123 -38.56 34.27 -4.75
C SER A 123 -37.86 34.95 -5.89
N ILE A 124 -38.63 35.31 -6.90
CA ILE A 124 -38.09 36.00 -8.05
C ILE A 124 -38.43 37.46 -7.81
N LYS A 125 -37.45 38.20 -7.27
CA LYS A 125 -37.65 39.62 -6.97
C LYS A 125 -37.23 40.55 -8.10
N ILE A 126 -38.16 41.34 -8.59
CA ILE A 126 -37.78 42.24 -9.65
C ILE A 126 -38.26 43.68 -9.43
N PRO A 127 -37.31 44.62 -9.40
CA PRO A 127 -37.59 46.05 -9.19
C PRO A 127 -37.98 46.81 -10.44
N PHE A 128 -38.73 47.89 -10.23
CA PHE A 128 -39.16 48.72 -11.36
C PHE A 128 -39.07 50.18 -10.98
N SER A 129 -39.15 51.04 -11.99
CA SER A 129 -39.13 52.47 -11.81
C SER A 129 -40.39 52.99 -12.48
N GLY A 130 -40.71 54.24 -12.20
CA GLY A 130 -41.88 54.80 -12.80
C GLY A 130 -42.63 55.65 -11.80
N LYS A 131 -43.06 56.80 -12.29
CA LYS A 131 -43.82 57.76 -11.51
C LYS A 131 -44.83 58.37 -12.46
N PRO A 132 -46.11 58.26 -12.13
CA PRO A 132 -46.52 57.59 -10.89
C PRO A 132 -46.14 56.11 -10.83
N ASP A 133 -46.05 55.58 -9.62
CA ASP A 133 -45.68 54.17 -9.39
C ASP A 133 -46.65 53.27 -10.10
N PRO A 134 -46.12 52.48 -11.04
CA PRO A 134 -46.75 51.51 -11.93
C PRO A 134 -47.60 50.47 -11.31
N VAL A 135 -48.61 50.04 -12.06
CA VAL A 135 -49.47 48.96 -11.62
C VAL A 135 -48.69 47.71 -11.98
N ILE A 136 -48.65 46.73 -11.08
CA ILE A 136 -47.93 45.52 -11.41
C ILE A 136 -48.88 44.34 -11.69
N THR A 137 -48.42 43.46 -12.59
CA THR A 137 -49.25 42.35 -12.98
C THR A 137 -48.41 41.15 -13.36
N TRP A 138 -48.70 40.00 -12.76
CA TRP A 138 -47.95 38.76 -13.08
C TRP A 138 -48.85 37.73 -13.75
N GLN A 139 -48.41 37.15 -14.86
CA GLN A 139 -49.22 36.12 -15.45
C GLN A 139 -48.30 35.00 -15.91
N LYS A 140 -48.79 33.76 -15.84
CA LYS A 140 -48.01 32.60 -16.28
C LYS A 140 -48.59 32.23 -17.62
N GLY A 141 -47.80 32.40 -18.67
CA GLY A 141 -48.32 32.13 -19.99
C GLY A 141 -49.34 33.24 -20.26
N GLN A 142 -50.59 32.85 -20.43
CA GLN A 142 -51.65 33.82 -20.67
C GLN A 142 -52.67 33.72 -19.56
N ASP A 143 -52.21 33.73 -18.31
CA ASP A 143 -53.12 33.62 -17.17
C ASP A 143 -52.70 34.51 -16.04
N LEU A 144 -53.50 35.54 -15.79
CA LEU A 144 -53.25 36.46 -14.71
C LEU A 144 -53.08 35.58 -13.49
N ILE A 145 -52.05 35.83 -12.71
CA ILE A 145 -51.80 35.05 -11.51
C ILE A 145 -52.35 35.81 -10.33
N ASP A 146 -53.05 35.13 -9.44
CA ASP A 146 -53.54 35.87 -8.28
C ASP A 146 -52.91 35.40 -6.98
N ASN A 147 -52.95 36.28 -6.00
CA ASN A 147 -52.39 36.03 -4.68
C ASN A 147 -53.20 34.93 -3.99
N ASN A 148 -52.56 33.84 -3.64
CA ASN A 148 -53.30 32.79 -2.96
C ASN A 148 -52.42 31.84 -2.18
N GLY A 149 -52.93 30.61 -2.02
CA GLY A 149 -52.21 29.60 -1.27
C GLY A 149 -51.06 29.04 -2.07
N HIS A 150 -51.15 29.13 -3.39
CA HIS A 150 -50.09 28.63 -4.24
C HIS A 150 -49.02 29.68 -4.46
N TYR A 151 -49.41 30.80 -5.06
CA TYR A 151 -48.47 31.86 -5.32
C TYR A 151 -48.54 32.92 -4.25
N GLN A 152 -47.45 33.65 -4.10
CA GLN A 152 -47.40 34.78 -3.20
C GLN A 152 -46.84 35.94 -3.99
N VAL A 153 -47.67 36.94 -4.22
CA VAL A 153 -47.20 38.09 -4.96
C VAL A 153 -46.97 39.25 -4.04
N ILE A 154 -45.89 39.96 -4.29
CA ILE A 154 -45.54 41.10 -3.50
C ILE A 154 -45.35 42.23 -4.48
N VAL A 155 -46.05 43.32 -4.22
CA VAL A 155 -45.98 44.49 -5.07
C VAL A 155 -45.89 45.71 -4.20
N THR A 156 -44.73 46.30 -4.14
CA THR A 156 -44.51 47.51 -3.35
C THR A 156 -44.50 48.64 -4.35
N ARG A 157 -44.25 49.87 -3.93
CA ARG A 157 -44.23 50.92 -4.92
C ARG A 157 -42.91 50.92 -5.68
N SER A 158 -42.00 50.00 -5.36
CA SER A 158 -40.73 49.99 -6.06
C SER A 158 -40.20 48.65 -6.55
N PHE A 159 -40.74 47.55 -6.08
CA PHE A 159 -40.27 46.26 -6.59
C PHE A 159 -41.38 45.24 -6.39
N THR A 160 -41.37 44.17 -7.19
CA THR A 160 -42.41 43.16 -7.07
C THR A 160 -41.74 41.79 -7.04
N SER A 161 -42.31 40.86 -6.28
CA SER A 161 -41.71 39.54 -6.21
C SER A 161 -42.71 38.40 -6.31
N LEU A 162 -42.38 37.42 -7.15
CA LEU A 162 -43.23 36.26 -7.37
C LEU A 162 -42.63 35.22 -6.46
N VAL A 163 -43.39 34.78 -5.47
CA VAL A 163 -42.88 33.82 -4.53
C VAL A 163 -43.66 32.51 -4.52
N PHE A 164 -42.97 31.42 -4.25
CA PHE A 164 -43.59 30.11 -4.15
C PHE A 164 -43.34 29.63 -2.70
N PRO A 165 -44.22 30.07 -1.78
CA PRO A 165 -44.23 29.80 -0.34
C PRO A 165 -44.08 28.35 0.07
N ASN A 166 -44.69 27.47 -0.71
CA ASN A 166 -44.69 26.05 -0.39
C ASN A 166 -43.67 25.25 -1.16
N GLY A 167 -42.55 25.86 -1.53
CA GLY A 167 -41.55 25.13 -2.28
C GLY A 167 -42.09 24.89 -3.67
N VAL A 168 -41.28 25.17 -4.67
CA VAL A 168 -41.71 25.04 -6.03
C VAL A 168 -42.10 23.63 -6.42
N GLU A 169 -43.04 23.49 -7.35
CA GLU A 169 -43.43 22.16 -7.80
C GLU A 169 -43.11 22.01 -9.29
N ARG A 170 -43.18 20.79 -9.79
CA ARG A 170 -42.87 20.55 -11.20
C ARG A 170 -43.77 21.41 -12.08
N LYS A 171 -45.07 21.38 -11.81
CA LYS A 171 -46.03 22.17 -12.57
C LYS A 171 -45.61 23.64 -12.67
N ASP A 172 -45.03 24.18 -11.60
CA ASP A 172 -44.58 25.57 -11.57
C ASP A 172 -43.64 25.96 -12.70
N ALA A 173 -42.95 25.00 -13.30
CA ALA A 173 -42.04 25.37 -14.39
C ALA A 173 -42.83 26.13 -15.46
N GLY A 174 -42.21 27.13 -16.07
CA GLY A 174 -42.92 27.89 -17.09
C GLY A 174 -42.39 29.30 -17.39
N PHE A 175 -43.19 30.05 -18.13
CA PHE A 175 -42.83 31.40 -18.49
C PHE A 175 -43.71 32.42 -17.80
N TYR A 176 -43.15 33.08 -16.79
CA TYR A 176 -43.86 34.12 -16.05
C TYR A 176 -43.61 35.50 -16.66
N VAL A 177 -44.68 36.23 -16.88
CA VAL A 177 -44.53 37.55 -17.48
C VAL A 177 -44.93 38.63 -16.52
N VAL A 178 -43.94 39.40 -16.06
CA VAL A 178 -44.18 40.50 -15.13
C VAL A 178 -44.37 41.81 -15.94
N CYS A 179 -45.46 42.52 -15.68
CA CYS A 179 -45.74 43.72 -16.45
C CYS A 179 -45.96 44.94 -15.58
N ALA A 180 -45.40 46.07 -15.98
CA ALA A 180 -45.55 47.33 -15.23
C ALA A 180 -46.12 48.41 -16.14
N LYS A 181 -47.06 49.18 -15.60
CA LYS A 181 -47.67 50.25 -16.40
C LYS A 181 -47.94 51.55 -15.65
N ASN A 182 -47.95 52.64 -16.39
CA ASN A 182 -48.33 53.98 -15.92
C ASN A 182 -48.71 54.78 -17.17
N ARG A 183 -49.37 55.92 -17.01
CA ARG A 183 -49.76 56.70 -18.18
C ARG A 183 -48.65 57.04 -19.17
N PHE A 184 -47.41 57.01 -18.70
CA PHE A 184 -46.28 57.38 -19.55
C PHE A 184 -45.45 56.25 -20.14
N GLY A 185 -45.88 55.01 -19.94
CA GLY A 185 -45.12 53.91 -20.50
C GLY A 185 -45.45 52.57 -19.88
N ILE A 186 -45.16 51.51 -20.64
CA ILE A 186 -45.41 50.13 -20.20
C ILE A 186 -44.16 49.31 -20.43
N ASP A 187 -43.82 48.43 -19.50
CA ASP A 187 -42.64 47.60 -19.62
C ASP A 187 -42.90 46.14 -19.30
N GLN A 188 -42.75 45.27 -20.32
CA GLN A 188 -42.92 43.83 -20.11
C GLN A 188 -41.58 43.10 -20.03
N LYS A 189 -41.60 41.99 -19.25
CA LYS A 189 -40.45 41.10 -19.04
C LYS A 189 -40.92 39.65 -18.74
N THR A 190 -40.27 38.70 -19.40
CA THR A 190 -40.55 37.28 -19.20
C THR A 190 -39.42 36.55 -18.52
N VAL A 191 -39.65 36.10 -17.30
CA VAL A 191 -38.67 35.33 -16.55
C VAL A 191 -39.03 33.85 -16.66
N GLU A 192 -38.10 33.01 -17.13
CA GLU A 192 -38.42 31.59 -17.25
C GLU A 192 -37.98 30.88 -15.98
N LEU A 193 -38.75 29.89 -15.57
CA LEU A 193 -38.45 29.13 -14.35
C LEU A 193 -38.49 27.66 -14.66
N ASP A 194 -37.38 26.98 -14.41
CA ASP A 194 -37.33 25.56 -14.66
C ASP A 194 -37.23 24.82 -13.32
N VAL A 195 -38.01 23.77 -13.19
CA VAL A 195 -38.04 23.00 -11.96
C VAL A 195 -37.73 21.55 -12.21
N ALA A 196 -36.78 21.01 -11.45
CA ALA A 196 -36.39 19.61 -11.55
C ALA A 196 -35.75 19.09 -10.28
N ASP A 197 -35.34 17.83 -10.36
CA ASP A 197 -34.68 17.13 -9.27
C ASP A 197 -33.22 16.81 -9.58
N VAL A 198 -32.49 16.46 -8.54
CA VAL A 198 -31.11 16.07 -8.67
C VAL A 198 -31.22 14.68 -9.33
N PRO A 199 -30.21 14.26 -10.12
CA PRO A 199 -30.33 12.94 -10.75
C PRO A 199 -30.45 11.77 -9.77
N ASP A 200 -30.87 10.60 -10.26
CA ASP A 200 -30.94 9.41 -9.42
C ASP A 200 -29.49 8.91 -9.35
N PRO A 201 -29.19 8.01 -8.40
CA PRO A 201 -27.79 7.54 -8.34
C PRO A 201 -27.37 6.74 -9.55
N PRO A 202 -26.12 6.92 -10.00
CA PRO A 202 -25.73 6.11 -11.16
C PRO A 202 -25.69 4.70 -10.62
N ARG A 203 -25.61 3.70 -11.48
CA ARG A 203 -25.63 2.33 -10.97
C ARG A 203 -24.69 1.33 -11.68
N GLY A 204 -24.42 0.24 -10.96
CA GLY A 204 -23.56 -0.81 -11.48
C GLY A 204 -22.09 -0.47 -11.64
N VAL A 205 -21.48 0.12 -10.63
CA VAL A 205 -20.07 0.46 -10.70
C VAL A 205 -19.26 -0.84 -10.78
N LYS A 206 -18.56 -1.03 -11.90
CA LYS A 206 -17.74 -2.21 -12.14
C LYS A 206 -16.25 -1.89 -12.23
N VAL A 207 -15.43 -2.65 -11.50
CA VAL A 207 -13.98 -2.45 -11.52
C VAL A 207 -13.35 -3.39 -12.54
N SER A 208 -12.26 -2.96 -13.17
CA SER A 208 -11.62 -3.80 -14.18
C SER A 208 -10.22 -3.30 -14.48
N ASP A 209 -9.64 -3.82 -15.56
CA ASP A 209 -8.29 -3.45 -15.99
C ASP A 209 -7.39 -3.09 -14.81
N VAL A 210 -7.52 -3.82 -13.70
CA VAL A 210 -6.73 -3.55 -12.50
C VAL A 210 -5.24 -3.43 -12.77
N SER A 211 -4.50 -2.96 -11.77
CA SER A 211 -3.06 -2.80 -11.92
C SER A 211 -2.45 -2.42 -10.56
N ARG A 212 -1.18 -2.04 -10.58
CA ARG A 212 -0.48 -1.70 -9.35
C ARG A 212 -0.80 -0.33 -8.78
N ASP A 213 -1.30 0.59 -9.60
CA ASP A 213 -1.64 1.93 -9.13
C ASP A 213 -2.84 2.56 -9.82
N SER A 214 -3.37 1.86 -10.82
CA SER A 214 -4.52 2.35 -11.58
C SER A 214 -5.67 1.35 -11.47
N VAL A 215 -6.78 1.66 -12.11
CA VAL A 215 -7.97 0.81 -12.16
C VAL A 215 -8.90 1.47 -13.14
N ASN A 216 -9.78 0.69 -13.74
CA ASN A 216 -10.74 1.27 -14.68
C ASN A 216 -12.14 1.02 -14.14
N LEU A 217 -12.95 2.09 -14.15
CA LEU A 217 -14.33 2.02 -13.67
C LEU A 217 -15.31 2.17 -14.81
N THR A 218 -16.51 1.65 -14.61
CA THR A 218 -17.59 1.78 -15.59
C THR A 218 -18.89 1.61 -14.81
N TRP A 219 -19.94 2.29 -15.23
CA TRP A 219 -21.24 2.20 -14.56
C TRP A 219 -22.27 2.59 -15.60
N THR A 220 -23.54 2.66 -15.19
CA THR A 220 -24.59 3.05 -16.11
C THR A 220 -25.44 4.22 -15.57
N GLU A 221 -26.06 4.98 -16.47
CA GLU A 221 -26.90 6.12 -16.08
C GLU A 221 -28.01 5.71 -15.13
N PRO A 222 -28.46 6.63 -14.27
CA PRO A 222 -29.53 6.34 -13.30
C PRO A 222 -30.85 6.11 -14.02
N ALA A 223 -31.90 5.86 -13.23
CA ALA A 223 -33.22 5.64 -13.77
C ALA A 223 -33.57 6.90 -14.56
N SER A 224 -33.47 8.03 -13.89
CA SER A 224 -33.75 9.31 -14.50
C SER A 224 -32.73 10.33 -13.98
N ASP A 225 -32.62 11.46 -14.67
CA ASP A 225 -31.71 12.51 -14.27
C ASP A 225 -32.44 13.51 -13.36
N GLY A 226 -33.66 13.17 -12.96
CA GLY A 226 -34.44 14.02 -12.08
C GLY A 226 -35.12 15.21 -12.74
N GLY A 227 -34.92 15.36 -14.04
CA GLY A 227 -35.50 16.47 -14.76
C GLY A 227 -34.52 17.04 -15.76
N SER A 228 -33.47 17.66 -15.24
CA SER A 228 -32.42 18.25 -16.06
C SER A 228 -31.42 17.17 -16.49
N LYS A 229 -30.93 17.32 -17.71
CA LYS A 229 -29.96 16.39 -18.28
C LYS A 229 -28.76 16.25 -17.34
N ILE A 230 -28.11 15.09 -17.36
CA ILE A 230 -26.94 14.88 -16.50
C ILE A 230 -25.78 15.52 -17.25
N THR A 231 -24.92 16.20 -16.50
CA THR A 231 -23.82 16.90 -17.13
C THR A 231 -22.43 16.30 -16.89
N ASN A 232 -22.26 15.59 -15.78
CA ASN A 232 -20.98 14.96 -15.47
C ASN A 232 -21.14 14.05 -14.26
N TYR A 233 -20.26 13.06 -14.17
CA TYR A 233 -20.27 12.12 -13.06
C TYR A 233 -19.04 12.43 -12.23
N ILE A 234 -19.20 12.35 -10.91
CA ILE A 234 -18.08 12.58 -10.02
C ILE A 234 -17.64 11.22 -9.47
N VAL A 235 -16.34 10.96 -9.49
CA VAL A 235 -15.84 9.70 -8.99
C VAL A 235 -15.22 9.78 -7.59
N GLU A 236 -15.59 8.86 -6.71
CA GLU A 236 -15.00 8.87 -5.39
C GLU A 236 -14.47 7.50 -5.01
N LYS A 237 -13.30 7.48 -4.36
CA LYS A 237 -12.66 6.23 -3.93
C LYS A 237 -12.55 6.17 -2.42
N CYS A 238 -12.56 4.96 -1.89
CA CYS A 238 -12.42 4.75 -0.45
C CYS A 238 -11.61 3.51 -0.11
N ALA A 239 -10.59 3.70 0.73
CA ALA A 239 -9.74 2.60 1.17
C ALA A 239 -10.44 1.79 2.24
N THR A 240 -10.98 0.63 1.86
CA THR A 240 -11.71 -0.27 2.77
C THR A 240 -11.13 -0.29 4.18
N THR A 241 -9.82 -0.09 4.24
CA THR A 241 -9.09 -0.09 5.48
C THR A 241 -9.63 0.99 6.40
N ALA A 242 -10.02 2.12 5.83
CA ALA A 242 -10.55 3.24 6.61
C ALA A 242 -11.72 3.92 5.90
N GLU A 243 -12.86 3.98 6.58
CA GLU A 243 -14.06 4.60 6.02
C GLU A 243 -13.91 6.11 5.88
N ARG A 244 -13.71 6.55 4.64
CA ARG A 244 -13.53 7.96 4.30
C ARG A 244 -13.41 8.03 2.77
N TRP A 245 -14.44 8.54 2.11
CA TRP A 245 -14.45 8.67 0.65
C TRP A 245 -13.79 9.94 0.16
N LEU A 246 -13.15 9.89 -1.01
CA LEU A 246 -12.49 11.06 -1.55
C LEU A 246 -12.79 11.31 -3.03
N ARG A 247 -12.87 12.58 -3.42
CA ARG A 247 -13.14 12.91 -4.81
C ARG A 247 -11.89 12.49 -5.55
N VAL A 248 -12.06 11.89 -6.71
CA VAL A 248 -10.90 11.48 -7.45
C VAL A 248 -10.87 12.10 -8.84
N GLY A 249 -12.05 12.39 -9.36
CA GLY A 249 -12.11 12.98 -10.68
C GLY A 249 -13.54 13.11 -11.15
N GLN A 250 -13.69 13.52 -12.40
CA GLN A 250 -15.00 13.71 -12.99
C GLN A 250 -14.90 13.29 -14.43
N ALA A 251 -16.00 12.75 -14.97
CA ALA A 251 -15.99 12.34 -16.36
C ALA A 251 -17.37 12.56 -16.93
N ARG A 252 -17.44 12.75 -18.25
CA ARG A 252 -18.71 12.95 -18.92
C ARG A 252 -19.26 11.56 -19.23
N GLU A 253 -18.36 10.66 -19.58
CA GLU A 253 -18.73 9.29 -19.90
C GLU A 253 -19.05 8.43 -18.68
N THR A 254 -19.78 7.35 -18.91
CA THR A 254 -20.15 6.44 -17.85
C THR A 254 -18.95 5.56 -17.50
N ARG A 255 -17.74 6.08 -17.69
CA ARG A 255 -16.52 5.33 -17.44
C ARG A 255 -15.35 6.24 -17.07
N TYR A 256 -14.46 5.74 -16.21
CA TYR A 256 -13.31 6.54 -15.79
C TYR A 256 -12.14 5.68 -15.32
N THR A 257 -10.94 6.23 -15.45
CA THR A 257 -9.71 5.54 -15.02
C THR A 257 -9.15 6.24 -13.80
N VAL A 258 -9.14 5.51 -12.68
CA VAL A 258 -8.65 6.04 -11.41
C VAL A 258 -7.16 5.75 -11.31
N ILE A 259 -6.38 6.69 -10.80
CA ILE A 259 -4.97 6.46 -10.70
C ILE A 259 -4.42 6.88 -9.36
N ASN A 260 -3.09 6.93 -9.29
CA ASN A 260 -2.42 7.27 -8.05
C ASN A 260 -2.93 6.41 -6.91
N LEU A 261 -3.23 5.15 -7.22
CA LEU A 261 -3.69 4.23 -6.21
C LEU A 261 -2.43 3.64 -5.61
N PHE A 262 -2.54 3.13 -4.39
CA PHE A 262 -1.38 2.60 -3.71
C PHE A 262 -0.77 1.27 -4.13
N GLY A 263 -1.61 0.29 -4.45
CA GLY A 263 -1.05 -0.99 -4.84
C GLY A 263 -1.14 -1.94 -3.66
N LYS A 264 -1.45 -3.19 -3.93
CA LYS A 264 -1.59 -4.16 -2.87
C LYS A 264 -2.44 -3.54 -1.77
N THR A 265 -3.56 -2.92 -2.16
CA THR A 265 -4.49 -2.28 -1.23
C THR A 265 -5.96 -2.53 -1.58
N SER A 266 -6.78 -2.66 -0.54
CA SER A 266 -8.21 -2.89 -0.74
C SER A 266 -8.93 -1.54 -0.88
N TYR A 267 -9.58 -1.36 -2.03
CA TYR A 267 -10.30 -0.15 -2.38
C TYR A 267 -11.75 -0.40 -2.81
N GLN A 268 -12.53 0.68 -2.80
CA GLN A 268 -13.92 0.68 -3.22
C GLN A 268 -14.18 1.99 -3.96
N PHE A 269 -15.10 1.96 -4.91
CA PHE A 269 -15.37 3.15 -5.69
C PHE A 269 -16.85 3.40 -5.92
N ARG A 270 -17.32 4.61 -5.65
CA ARG A 270 -18.72 4.92 -5.92
C ARG A 270 -18.76 6.06 -6.91
N VAL A 271 -19.89 6.24 -7.56
CA VAL A 271 -20.02 7.31 -8.53
C VAL A 271 -21.24 8.18 -8.33
N ILE A 272 -21.05 9.50 -8.44
CA ILE A 272 -22.14 10.44 -8.28
C ILE A 272 -22.54 11.11 -9.58
N ALA A 273 -23.85 11.12 -9.80
CA ALA A 273 -24.43 11.73 -11.00
C ALA A 273 -24.82 13.18 -10.69
N GLU A 274 -24.58 14.06 -11.65
CA GLU A 274 -24.86 15.47 -11.47
C GLU A 274 -25.39 16.23 -12.69
N ASN A 275 -26.38 17.07 -12.42
CA ASN A 275 -26.98 17.93 -13.43
C ASN A 275 -26.99 19.36 -12.87
N LYS A 276 -27.45 20.29 -13.70
CA LYS A 276 -27.56 21.70 -13.36
C LYS A 276 -28.19 21.95 -11.97
N PHE A 277 -29.09 21.05 -11.56
CA PHE A 277 -29.76 21.18 -10.27
C PHE A 277 -28.99 20.68 -9.04
N GLY A 278 -27.92 19.92 -9.25
CA GLY A 278 -27.17 19.43 -8.10
C GLY A 278 -26.68 18.00 -8.22
N LEU A 279 -26.14 17.48 -7.12
CA LEU A 279 -25.61 16.11 -7.08
C LEU A 279 -26.55 15.08 -6.48
N SER A 280 -26.60 13.91 -7.12
CA SER A 280 -27.43 12.79 -6.67
C SER A 280 -26.80 12.13 -5.45
N LYS A 281 -27.49 11.15 -4.88
CA LYS A 281 -26.94 10.41 -3.75
C LYS A 281 -25.91 9.50 -4.40
N PRO A 282 -24.91 9.08 -3.64
CA PRO A 282 -23.90 8.19 -4.20
C PRO A 282 -24.44 6.81 -4.61
N SER A 283 -23.82 6.19 -5.61
CA SER A 283 -24.23 4.88 -6.10
C SER A 283 -23.79 3.82 -5.09
N GLU A 284 -24.24 2.59 -5.30
CA GLU A 284 -23.82 1.50 -4.43
C GLU A 284 -22.33 1.35 -4.74
N PRO A 285 -21.49 1.24 -3.71
CA PRO A 285 -20.05 1.12 -3.94
C PRO A 285 -19.65 -0.18 -4.62
N SER A 286 -18.68 -0.08 -5.51
CA SER A 286 -18.20 -1.24 -6.25
C SER A 286 -17.69 -2.30 -5.27
N GLU A 287 -17.53 -3.52 -5.78
CA GLU A 287 -17.02 -4.63 -4.99
C GLU A 287 -15.60 -4.28 -4.59
N PRO A 288 -15.21 -4.59 -3.35
CA PRO A 288 -13.83 -4.24 -2.99
C PRO A 288 -12.86 -5.00 -3.88
N THR A 289 -11.75 -4.37 -4.21
CA THR A 289 -10.76 -5.04 -5.03
C THR A 289 -9.37 -4.63 -4.55
N ILE A 290 -8.37 -5.42 -4.92
CA ILE A 290 -7.00 -5.15 -4.48
C ILE A 290 -6.07 -4.76 -5.61
N THR A 291 -5.22 -3.79 -5.31
CA THR A 291 -4.23 -3.31 -6.26
C THR A 291 -3.15 -4.38 -6.38
N LYS A 292 -2.30 -4.26 -7.41
CA LYS A 292 -1.24 -5.24 -7.64
C LYS A 292 0.13 -4.77 -7.15
N GLU A 293 1.17 -5.57 -7.43
CA GLU A 293 2.57 -5.32 -7.05
C GLU A 293 2.79 -4.49 -5.78
N ALA B 2 55.49 -94.94 -16.32
CA ALA B 2 56.96 -94.71 -16.32
C ALA B 2 57.50 -93.86 -15.14
N MET B 3 56.86 -92.72 -14.85
CA MET B 3 57.33 -91.84 -13.76
C MET B 3 56.47 -91.74 -12.48
N ALA B 4 57.11 -91.33 -11.40
CA ALA B 4 56.47 -91.13 -10.09
C ALA B 4 55.95 -89.70 -10.01
N PRO B 5 55.12 -89.39 -9.01
CA PRO B 5 54.59 -88.04 -8.88
C PRO B 5 55.62 -86.98 -8.48
N HIS B 6 55.48 -85.80 -9.08
CA HIS B 6 56.34 -84.63 -8.84
C HIS B 6 55.55 -83.33 -8.98
N PHE B 7 55.93 -82.33 -8.19
CA PHE B 7 55.30 -81.01 -8.27
C PHE B 7 56.06 -80.10 -9.25
N LYS B 8 55.56 -79.97 -10.47
CA LYS B 8 56.21 -79.11 -11.46
C LYS B 8 56.15 -77.72 -10.86
N GLU B 9 54.94 -77.24 -10.63
CA GLU B 9 54.69 -75.96 -9.97
C GLU B 9 54.25 -76.37 -8.57
N GLU B 10 54.97 -75.95 -7.54
CA GLU B 10 54.62 -76.30 -6.17
C GLU B 10 53.65 -75.35 -5.49
N LEU B 11 53.29 -75.66 -4.25
CA LEU B 11 52.36 -74.84 -3.50
C LEU B 11 52.93 -73.50 -3.10
N ARG B 12 52.12 -72.47 -3.36
CA ARG B 12 52.47 -71.08 -3.02
C ARG B 12 51.72 -70.58 -1.79
N ASN B 13 52.45 -70.08 -0.80
CA ASN B 13 51.81 -69.55 0.39
C ASN B 13 51.09 -68.30 -0.01
N LEU B 14 50.36 -67.72 0.92
CA LEU B 14 49.62 -66.52 0.59
C LEU B 14 48.96 -65.85 1.78
N ASN B 15 48.98 -64.53 1.73
CA ASN B 15 48.39 -63.71 2.76
C ASN B 15 47.10 -63.23 2.18
N VAL B 16 45.99 -63.58 2.82
CA VAL B 16 44.71 -63.15 2.33
C VAL B 16 44.31 -62.00 3.24
N ARG B 17 43.11 -61.48 2.99
CA ARG B 17 42.51 -60.41 3.77
C ARG B 17 41.23 -60.98 4.38
N TYR B 18 41.12 -60.87 5.69
CA TYR B 18 39.98 -61.39 6.44
C TYR B 18 38.64 -61.57 5.71
N GLN B 19 38.10 -62.78 5.78
CA GLN B 19 36.81 -63.12 5.17
C GLN B 19 36.91 -63.20 3.65
N SER B 20 38.13 -63.10 3.14
CA SER B 20 38.39 -63.18 1.70
C SER B 20 38.35 -64.68 1.32
N ASN B 21 38.72 -65.02 0.09
CA ASN B 21 38.76 -66.43 -0.29
C ASN B 21 40.22 -66.76 -0.40
N ALA B 22 40.54 -68.04 -0.32
CA ALA B 22 41.92 -68.45 -0.42
C ALA B 22 42.04 -69.44 -1.57
N THR B 23 43.16 -69.32 -2.29
CA THR B 23 43.41 -70.19 -3.41
C THR B 23 44.80 -70.82 -3.38
N LEU B 24 44.82 -72.14 -3.20
CA LEU B 24 46.06 -72.91 -3.22
C LEU B 24 46.04 -73.77 -4.49
N VAL B 25 47.10 -73.66 -5.28
CA VAL B 25 47.13 -74.44 -6.50
C VAL B 25 48.53 -74.99 -6.76
N CYS B 26 48.59 -76.12 -7.45
CA CYS B 26 49.88 -76.74 -7.77
C CYS B 26 49.76 -77.57 -9.04
N LYS B 27 50.90 -77.89 -9.66
CA LYS B 27 50.89 -78.67 -10.88
C LYS B 27 51.60 -79.99 -10.60
N VAL B 28 50.84 -81.08 -10.68
CA VAL B 28 51.39 -82.40 -10.41
C VAL B 28 51.72 -83.15 -11.68
N THR B 29 52.85 -83.83 -11.66
CA THR B 29 53.33 -84.58 -12.80
C THR B 29 53.54 -86.03 -12.37
N GLY B 30 53.25 -86.98 -13.27
CA GLY B 30 53.44 -88.37 -12.90
C GLY B 30 52.70 -89.38 -13.74
N HIS B 31 53.23 -90.61 -13.81
CA HIS B 31 52.63 -91.68 -14.60
C HIS B 31 52.56 -93.01 -13.88
N PRO B 32 51.33 -93.56 -13.73
CA PRO B 32 50.08 -92.95 -14.20
C PRO B 32 49.65 -91.75 -13.35
N LYS B 33 48.65 -91.04 -13.84
CA LYS B 33 48.10 -89.84 -13.18
C LYS B 33 47.97 -90.05 -11.68
N PRO B 34 48.80 -89.35 -10.90
CA PRO B 34 48.77 -89.48 -9.44
C PRO B 34 47.45 -89.08 -8.80
N ILE B 35 47.21 -89.62 -7.61
CA ILE B 35 46.00 -89.32 -6.86
C ILE B 35 46.42 -88.22 -5.91
N VAL B 36 45.77 -87.08 -6.05
CA VAL B 36 46.05 -85.93 -5.23
C VAL B 36 45.00 -85.79 -4.13
N LYS B 37 45.47 -85.46 -2.93
CA LYS B 37 44.61 -85.26 -1.79
C LYS B 37 45.05 -84.04 -1.00
N TRP B 38 44.09 -83.35 -0.41
CA TRP B 38 44.34 -82.13 0.37
C TRP B 38 44.13 -82.37 1.84
N TYR B 39 44.97 -81.75 2.66
CA TYR B 39 44.89 -81.88 4.11
C TYR B 39 44.95 -80.52 4.77
N ARG B 40 44.35 -80.44 5.95
CA ARG B 40 44.35 -79.23 6.73
C ARG B 40 44.86 -79.67 8.09
N GLN B 41 46.06 -79.21 8.46
CA GLN B 41 46.67 -79.59 9.74
C GLN B 41 46.83 -81.08 9.87
N GLY B 42 46.96 -81.76 8.73
CA GLY B 42 47.13 -83.19 8.78
C GLY B 42 45.86 -83.91 8.40
N LYS B 43 44.71 -83.42 8.86
CA LYS B 43 43.43 -84.06 8.57
C LYS B 43 43.11 -83.93 7.07
N GLU B 44 42.71 -85.03 6.42
CA GLU B 44 42.37 -84.95 5.01
C GLU B 44 41.09 -84.19 4.92
N ILE B 45 41.04 -83.26 3.97
CA ILE B 45 39.89 -82.41 3.70
C ILE B 45 38.92 -83.12 2.78
N ILE B 46 37.66 -83.18 3.16
CA ILE B 46 36.65 -83.79 2.31
C ILE B 46 35.67 -82.69 1.87
N ALA B 47 36.03 -82.02 0.77
CA ALA B 47 35.26 -80.91 0.20
C ALA B 47 33.79 -81.17 0.08
N ASP B 48 33.07 -80.24 0.70
CA ASP B 48 31.63 -80.22 0.73
C ASP B 48 31.09 -79.47 -0.49
N GLY B 49 31.82 -78.42 -0.86
CA GLY B 49 31.43 -77.57 -1.98
C GLY B 49 31.10 -76.17 -1.48
N LEU B 50 30.92 -76.05 -0.16
CA LEU B 50 30.57 -74.77 0.45
C LEU B 50 31.77 -74.05 1.11
N LYS B 51 32.33 -74.64 2.16
CA LYS B 51 33.46 -74.02 2.83
C LYS B 51 34.71 -74.28 2.06
N TYR B 52 34.78 -75.46 1.48
CA TYR B 52 35.94 -75.93 0.71
C TYR B 52 35.51 -76.42 -0.66
N ARG B 53 36.38 -76.17 -1.64
CA ARG B 53 36.13 -76.58 -3.01
C ARG B 53 37.45 -77.16 -3.51
N ILE B 54 37.45 -78.39 -4.02
CA ILE B 54 38.67 -78.97 -4.54
C ILE B 54 38.51 -79.19 -6.02
N GLN B 55 39.45 -78.71 -6.81
CA GLN B 55 39.31 -78.90 -8.24
C GLN B 55 40.60 -79.32 -8.90
N GLU B 56 40.48 -79.75 -10.15
CA GLU B 56 41.67 -80.06 -10.92
C GLU B 56 41.37 -79.64 -12.35
N PHE B 57 42.39 -79.20 -13.08
CA PHE B 57 42.20 -78.77 -14.45
C PHE B 57 43.19 -79.43 -15.39
N LYS B 58 42.77 -79.60 -16.65
CA LYS B 58 43.60 -80.22 -17.66
C LYS B 58 45.06 -79.82 -17.52
N GLY B 59 45.92 -80.81 -17.29
CA GLY B 59 47.33 -80.50 -17.16
C GLY B 59 47.86 -80.87 -15.81
N GLY B 60 47.09 -81.64 -15.05
CA GLY B 60 47.57 -82.06 -13.75
C GLY B 60 47.68 -80.91 -12.77
N TYR B 61 46.71 -80.01 -12.88
CA TYR B 61 46.62 -78.84 -12.01
C TYR B 61 45.69 -79.16 -10.86
N HIS B 62 46.13 -78.85 -9.65
CA HIS B 62 45.32 -79.11 -8.50
C HIS B 62 45.10 -77.86 -7.68
N GLN B 63 43.83 -77.61 -7.35
CA GLN B 63 43.47 -76.42 -6.62
C GLN B 63 42.56 -76.62 -5.43
N LEU B 64 42.88 -75.90 -4.36
CA LEU B 64 42.07 -75.94 -3.15
C LEU B 64 41.53 -74.51 -3.00
N ILE B 65 40.23 -74.38 -2.80
CA ILE B 65 39.64 -73.06 -2.57
C ILE B 65 39.00 -73.09 -1.20
N ILE B 66 39.35 -72.12 -0.38
CA ILE B 66 38.80 -71.99 0.94
C ILE B 66 37.88 -70.76 0.91
N ALA B 67 36.62 -70.91 1.30
CA ALA B 67 35.70 -69.77 1.29
C ALA B 67 35.68 -69.03 2.60
N SER B 68 35.52 -67.71 2.52
CA SER B 68 35.46 -66.80 3.68
C SER B 68 36.48 -67.07 4.78
N VAL B 69 37.75 -66.87 4.44
CA VAL B 69 38.87 -67.09 5.36
C VAL B 69 38.80 -66.39 6.71
N THR B 70 38.62 -67.15 7.80
CA THR B 70 38.58 -66.57 9.13
C THR B 70 39.91 -66.94 9.79
N ASP B 71 40.17 -66.42 10.98
CA ASP B 71 41.42 -66.73 11.67
C ASP B 71 41.62 -68.24 11.86
N ASP B 72 40.52 -68.97 11.99
CA ASP B 72 40.59 -70.40 12.16
C ASP B 72 41.16 -71.08 10.91
N ASP B 73 41.03 -70.43 9.76
CA ASP B 73 41.55 -70.99 8.52
C ASP B 73 42.96 -70.56 8.21
N ALA B 74 43.57 -69.81 9.11
CA ALA B 74 44.91 -69.34 8.87
C ALA B 74 45.95 -70.26 9.51
N THR B 75 46.10 -71.46 8.94
CA THR B 75 47.09 -72.40 9.46
C THR B 75 47.76 -73.11 8.29
N VAL B 76 48.21 -74.33 8.55
CA VAL B 76 48.91 -75.10 7.53
C VAL B 76 48.09 -76.10 6.76
N TYR B 77 48.34 -76.13 5.47
CA TYR B 77 47.65 -77.05 4.57
C TYR B 77 48.68 -77.92 3.85
N GLN B 78 48.33 -79.16 3.54
CA GLN B 78 49.25 -80.04 2.82
C GLN B 78 48.53 -80.71 1.64
N VAL B 79 49.25 -80.86 0.54
CA VAL B 79 48.72 -81.50 -0.63
C VAL B 79 49.61 -82.72 -0.81
N ARG B 80 49.07 -83.85 -1.27
CA ARG B 80 49.89 -85.04 -1.45
C ARG B 80 49.48 -85.81 -2.68
N ALA B 81 50.46 -86.21 -3.48
CA ALA B 81 50.17 -86.96 -4.71
C ALA B 81 50.89 -88.29 -4.68
N THR B 82 50.17 -89.35 -5.05
CA THR B 82 50.74 -90.69 -5.04
C THR B 82 50.36 -91.51 -6.27
N ASN B 83 51.06 -92.61 -6.44
CA ASN B 83 50.84 -93.58 -7.52
C ASN B 83 51.85 -94.69 -7.26
N GLN B 84 51.62 -95.87 -7.83
CA GLN B 84 52.53 -97.00 -7.58
C GLN B 84 54.01 -96.59 -7.62
N GLY B 85 54.33 -95.59 -8.44
CA GLY B 85 55.71 -95.13 -8.54
C GLY B 85 56.22 -94.46 -7.29
N GLY B 86 55.34 -93.81 -6.55
CA GLY B 86 55.78 -93.15 -5.33
C GLY B 86 54.75 -92.19 -4.79
N SER B 87 55.23 -91.22 -4.01
CA SER B 87 54.34 -90.24 -3.41
C SER B 87 55.04 -88.98 -2.90
N VAL B 88 54.74 -87.82 -3.51
CA VAL B 88 55.32 -86.54 -3.10
C VAL B 88 54.42 -85.86 -2.08
N SER B 89 54.85 -84.72 -1.59
CA SER B 89 54.06 -84.00 -0.62
C SER B 89 54.53 -82.57 -0.39
N GLY B 90 53.59 -81.64 -0.33
CA GLY B 90 53.95 -80.25 -0.11
C GLY B 90 53.07 -79.53 0.90
N THR B 91 53.50 -78.34 1.30
CA THR B 91 52.72 -77.57 2.26
C THR B 91 52.69 -76.12 1.87
N ALA B 92 51.86 -75.37 2.58
CA ALA B 92 51.70 -73.95 2.37
C ALA B 92 50.89 -73.42 3.55
N SER B 93 51.36 -72.32 4.12
CA SER B 93 50.71 -71.70 5.25
C SER B 93 49.79 -70.59 4.75
N LEU B 94 48.70 -70.40 5.48
CA LEU B 94 47.72 -69.40 5.13
C LEU B 94 47.69 -68.35 6.22
N GLU B 95 47.97 -67.11 5.85
CA GLU B 95 48.00 -66.04 6.83
C GLU B 95 47.13 -64.85 6.42
N VAL B 96 46.73 -64.07 7.42
CA VAL B 96 45.93 -62.89 7.20
C VAL B 96 46.73 -61.71 7.73
N GLU B 97 47.28 -60.90 6.83
CA GLU B 97 48.07 -59.77 7.27
C GLU B 97 47.58 -58.54 6.56
N VAL B 98 47.09 -57.60 7.36
CA VAL B 98 46.54 -56.34 6.91
C VAL B 98 47.10 -55.27 7.84
N PRO B 99 47.85 -54.32 7.29
CA PRO B 99 48.42 -53.25 8.12
C PRO B 99 47.33 -52.32 8.68
N ALA B 100 47.61 -51.80 9.87
CA ALA B 100 46.72 -50.91 10.58
C ALA B 100 46.35 -49.71 9.73
N LYS B 101 45.07 -49.57 9.42
CA LYS B 101 44.61 -48.45 8.60
C LYS B 101 43.37 -47.76 9.19
N ILE B 102 43.41 -46.43 9.31
CA ILE B 102 42.28 -45.66 9.85
C ILE B 102 41.43 -45.12 8.72
N HIS B 103 40.11 -45.20 8.88
CA HIS B 103 39.21 -44.72 7.84
C HIS B 103 38.30 -43.59 8.28
N LEU B 104 38.77 -42.35 8.10
CA LEU B 104 37.98 -41.19 8.48
C LEU B 104 36.78 -41.02 7.63
N PRO B 105 35.66 -40.61 8.23
CA PRO B 105 34.45 -40.41 7.43
C PRO B 105 34.74 -39.19 6.52
N LYS B 106 34.21 -39.21 5.29
CA LYS B 106 34.44 -38.12 4.34
C LYS B 106 34.39 -36.71 4.97
N THR B 107 33.25 -36.36 5.55
CA THR B 107 33.02 -35.08 6.21
C THR B 107 34.18 -34.66 7.12
N LEU B 108 35.03 -35.63 7.43
CA LEU B 108 36.16 -35.43 8.32
C LEU B 108 37.51 -35.41 7.65
N GLU B 109 37.60 -36.00 6.46
CA GLU B 109 38.86 -36.04 5.74
C GLU B 109 39.32 -34.62 5.43
N GLY B 110 38.48 -33.86 4.72
CA GLY B 110 38.87 -32.51 4.41
C GLY B 110 39.21 -31.84 5.73
N MET B 111 40.03 -30.80 5.70
CA MET B 111 40.39 -30.11 6.92
C MET B 111 39.13 -29.62 7.66
N GLY B 112 37.98 -30.09 7.23
CA GLY B 112 36.74 -29.71 7.89
C GLY B 112 36.66 -30.42 9.24
N ALA B 113 36.19 -29.68 10.24
CA ALA B 113 36.05 -30.18 11.61
C ALA B 113 34.66 -30.70 11.94
N VAL B 114 34.45 -30.90 13.24
CA VAL B 114 33.17 -31.34 13.78
C VAL B 114 32.92 -30.20 14.77
N HIS B 115 31.70 -29.69 14.75
CA HIS B 115 31.33 -28.57 15.59
C HIS B 115 30.30 -29.04 16.60
N ALA B 116 30.71 -28.99 17.86
CA ALA B 116 29.85 -29.42 18.94
C ALA B 116 29.41 -28.19 19.68
N LEU B 117 28.10 -28.13 19.93
CA LEU B 117 27.53 -27.00 20.64
C LEU B 117 27.81 -27.21 22.12
N ARG B 118 28.60 -26.32 22.71
CA ARG B 118 28.96 -26.45 24.11
C ARG B 118 27.91 -27.08 24.98
N GLY B 119 28.36 -28.03 25.80
CA GLY B 119 27.45 -28.71 26.68
C GLY B 119 26.92 -29.98 26.08
N GLU B 120 26.89 -30.05 24.76
CA GLU B 120 26.42 -31.25 24.08
C GLU B 120 27.40 -32.40 24.28
N VAL B 121 26.88 -33.61 24.27
CA VAL B 121 27.72 -34.77 24.39
C VAL B 121 28.06 -35.12 22.96
N VAL B 122 29.27 -35.55 22.69
CA VAL B 122 29.68 -35.86 21.33
C VAL B 122 30.48 -37.15 21.19
N SER B 123 30.29 -37.83 20.08
CA SER B 123 31.03 -39.05 19.81
C SER B 123 31.69 -38.98 18.47
N ILE B 124 33.00 -38.97 18.47
CA ILE B 124 33.72 -38.97 17.22
C ILE B 124 34.02 -40.46 16.94
N LYS B 125 33.21 -41.08 16.09
CA LYS B 125 33.40 -42.49 15.78
C LYS B 125 34.33 -42.72 14.60
N ILE B 126 35.38 -43.49 14.81
CA ILE B 126 36.33 -43.68 13.72
C ILE B 126 36.71 -45.12 13.50
N PRO B 127 36.29 -45.67 12.36
CA PRO B 127 36.60 -47.07 12.04
C PRO B 127 38.04 -47.24 11.54
N PHE B 128 38.58 -48.43 11.72
CA PHE B 128 39.95 -48.75 11.28
C PHE B 128 39.99 -50.21 10.81
N SER B 129 41.06 -50.58 10.12
CA SER B 129 41.26 -51.95 9.60
C SER B 129 42.59 -52.43 10.10
N GLY B 130 42.81 -53.74 10.03
CA GLY B 130 44.09 -54.25 10.45
C GLY B 130 44.11 -55.57 11.17
N LYS B 131 44.93 -56.48 10.66
CA LYS B 131 45.08 -57.79 11.27
C LYS B 131 46.57 -58.08 11.31
N PRO B 132 47.09 -58.39 12.50
CA PRO B 132 46.33 -58.48 13.75
C PRO B 132 45.69 -57.16 14.19
N ASP B 133 44.72 -57.25 15.09
CA ASP B 133 44.03 -56.08 15.61
C ASP B 133 45.02 -55.04 16.06
N PRO B 134 44.94 -53.83 15.49
CA PRO B 134 45.82 -52.72 15.81
C PRO B 134 45.68 -52.14 17.20
N VAL B 135 46.78 -51.60 17.72
CA VAL B 135 46.68 -50.98 19.02
C VAL B 135 46.10 -49.59 18.76
N ILE B 136 45.03 -49.23 19.46
CA ILE B 136 44.46 -47.90 19.22
C ILE B 136 44.86 -46.95 20.33
N THR B 137 45.12 -45.71 19.96
CA THR B 137 45.54 -44.73 20.96
C THR B 137 45.02 -43.32 20.62
N TRP B 138 44.52 -42.61 21.63
CA TRP B 138 44.00 -41.26 21.40
C TRP B 138 44.81 -40.24 22.18
N GLN B 139 45.16 -39.14 21.55
CA GLN B 139 45.85 -38.11 22.29
C GLN B 139 45.45 -36.73 21.79
N LYS B 140 45.41 -35.78 22.71
CA LYS B 140 45.04 -34.43 22.33
C LYS B 140 46.33 -33.67 22.41
N GLY B 141 46.77 -33.15 21.28
CA GLY B 141 48.03 -32.45 21.29
C GLY B 141 49.01 -33.55 21.59
N GLN B 142 49.71 -33.45 22.72
CA GLN B 142 50.70 -34.46 23.07
C GLN B 142 50.41 -35.14 24.41
N ASP B 143 49.13 -35.31 24.73
CA ASP B 143 48.75 -35.96 25.98
C ASP B 143 47.93 -37.19 25.73
N LEU B 144 48.48 -38.35 26.08
CA LEU B 144 47.80 -39.60 25.92
C LEU B 144 46.47 -39.55 26.66
N ILE B 145 45.37 -39.72 25.93
CA ILE B 145 44.06 -39.70 26.58
C ILE B 145 43.71 -41.09 27.12
N ASP B 146 43.36 -41.16 28.40
CA ASP B 146 42.97 -42.42 29.01
C ASP B 146 41.55 -42.25 29.56
N ASN B 147 40.92 -43.32 30.04
CA ASN B 147 39.56 -43.23 30.55
C ASN B 147 39.35 -42.78 31.97
N ASN B 148 40.40 -42.34 32.65
CA ASN B 148 40.20 -41.86 34.01
C ASN B 148 39.60 -40.44 33.97
N GLY B 149 38.27 -40.39 33.81
CA GLY B 149 37.54 -39.14 33.78
C GLY B 149 37.73 -38.20 32.60
N HIS B 150 36.74 -37.30 32.47
CA HIS B 150 36.64 -36.26 31.44
C HIS B 150 36.42 -36.81 30.04
N TYR B 151 37.28 -37.72 29.61
CA TYR B 151 37.15 -38.35 28.31
C TYR B 151 36.59 -39.75 28.49
N GLN B 152 36.02 -40.28 27.42
CA GLN B 152 35.52 -41.66 27.42
C GLN B 152 35.96 -42.23 26.08
N VAL B 153 36.90 -43.19 26.11
CA VAL B 153 37.32 -43.81 24.86
C VAL B 153 36.58 -45.14 24.70
N ILE B 154 36.35 -45.54 23.45
CA ILE B 154 35.67 -46.79 23.14
C ILE B 154 36.53 -47.40 22.03
N VAL B 155 36.86 -48.67 22.20
CA VAL B 155 37.68 -49.36 21.22
C VAL B 155 37.20 -50.79 21.07
N THR B 156 36.66 -51.09 19.90
CA THR B 156 36.21 -52.44 19.64
C THR B 156 37.20 -53.07 18.68
N ARG B 157 36.85 -54.24 18.16
CA ARG B 157 37.75 -54.89 17.24
C ARG B 157 37.72 -54.28 15.86
N SER B 158 36.87 -53.28 15.64
CA SER B 158 36.80 -52.66 14.32
C SER B 158 36.63 -51.15 14.28
N PHE B 159 36.22 -50.54 15.38
CA PHE B 159 36.14 -49.08 15.35
C PHE B 159 36.48 -48.49 16.71
N THR B 160 36.87 -47.23 16.73
CA THR B 160 37.21 -46.57 17.99
C THR B 160 36.51 -45.21 18.11
N SER B 161 35.99 -44.87 19.28
CA SER B 161 35.29 -43.58 19.41
C SER B 161 35.76 -42.71 20.57
N LEU B 162 35.90 -41.41 20.31
CA LEU B 162 36.29 -40.47 21.38
C LEU B 162 34.98 -39.81 21.81
N VAL B 163 34.57 -40.01 23.07
CA VAL B 163 33.32 -39.43 23.56
C VAL B 163 33.50 -38.42 24.69
N PHE B 164 32.70 -37.38 24.70
CA PHE B 164 32.80 -36.43 25.81
C PHE B 164 31.49 -36.61 26.57
N PRO B 165 31.47 -37.57 27.50
CA PRO B 165 30.27 -37.85 28.28
C PRO B 165 29.69 -36.75 29.14
N ASN B 166 30.53 -35.83 29.62
CA ASN B 166 30.00 -34.76 30.47
C ASN B 166 29.50 -33.57 29.72
N GLY B 167 29.50 -33.66 28.40
CA GLY B 167 29.08 -32.56 27.59
C GLY B 167 30.35 -31.88 27.19
N VAL B 168 30.45 -31.51 25.92
CA VAL B 168 31.67 -30.89 25.45
C VAL B 168 31.88 -29.55 26.14
N GLU B 169 33.13 -29.19 26.36
CA GLU B 169 33.48 -27.95 27.02
C GLU B 169 34.24 -27.02 26.05
N ARG B 170 34.39 -25.74 26.38
CA ARG B 170 35.12 -24.81 25.50
C ARG B 170 36.52 -25.38 25.33
N LYS B 171 37.22 -25.55 26.45
CA LYS B 171 38.56 -26.11 26.46
C LYS B 171 38.67 -27.43 25.65
N ASP B 172 37.58 -28.20 25.55
CA ASP B 172 37.59 -29.45 24.80
C ASP B 172 37.87 -29.23 23.33
N ALA B 173 37.76 -28.00 22.87
CA ALA B 173 38.03 -27.74 21.47
C ALA B 173 39.52 -27.98 21.24
N GLY B 174 39.88 -28.24 19.98
CA GLY B 174 41.27 -28.50 19.68
C GLY B 174 41.49 -29.62 18.67
N PHE B 175 42.72 -30.14 18.66
CA PHE B 175 43.07 -31.19 17.71
C PHE B 175 43.34 -32.54 18.35
N TYR B 176 42.58 -33.54 17.93
CA TYR B 176 42.78 -34.88 18.48
C TYR B 176 43.50 -35.80 17.53
N VAL B 177 44.37 -36.65 18.06
CA VAL B 177 45.07 -37.55 17.15
C VAL B 177 44.83 -38.99 17.46
N VAL B 178 44.21 -39.68 16.52
CA VAL B 178 43.94 -41.10 16.73
C VAL B 178 45.03 -41.89 15.99
N CYS B 179 45.54 -42.93 16.65
CA CYS B 179 46.61 -43.72 16.06
C CYS B 179 46.40 -45.21 16.17
N ALA B 180 46.61 -45.92 15.06
CA ALA B 180 46.47 -47.38 15.05
C ALA B 180 47.78 -48.01 14.55
N LYS B 181 48.27 -49.00 15.28
CA LYS B 181 49.52 -49.67 14.92
C LYS B 181 49.39 -51.16 15.06
N ASN B 182 50.09 -51.91 14.21
CA ASN B 182 50.20 -53.39 14.30
C ASN B 182 51.48 -53.77 13.59
N ARG B 183 51.98 -54.98 13.79
CA ARG B 183 53.24 -55.41 13.18
C ARG B 183 53.47 -55.04 11.71
N PHE B 184 52.40 -54.81 10.97
CA PHE B 184 52.51 -54.53 9.55
C PHE B 184 52.28 -53.11 9.09
N GLY B 185 52.05 -52.19 10.01
CA GLY B 185 51.82 -50.83 9.58
C GLY B 185 51.25 -49.92 10.63
N ILE B 186 51.43 -48.62 10.42
CA ILE B 186 50.93 -47.67 11.37
C ILE B 186 50.13 -46.60 10.67
N ASP B 187 48.99 -46.20 11.24
CA ASP B 187 48.22 -45.16 10.66
C ASP B 187 47.80 -44.14 11.69
N GLN B 188 47.82 -42.95 11.13
CA GLN B 188 47.45 -41.81 11.91
C GLN B 188 46.61 -40.82 11.18
N LYS B 189 45.84 -40.16 12.08
CA LYS B 189 44.84 -39.12 11.79
C LYS B 189 44.53 -38.16 12.94
N THR B 190 44.26 -36.92 12.49
CA THR B 190 43.91 -35.82 13.38
C THR B 190 42.49 -35.45 13.03
N VAL B 191 41.71 -35.12 14.03
CA VAL B 191 40.32 -34.74 13.85
C VAL B 191 40.20 -33.45 14.63
N GLU B 192 39.57 -32.43 14.05
CA GLU B 192 39.46 -31.18 14.79
C GLU B 192 38.14 -31.06 15.49
N LEU B 193 38.16 -30.60 16.74
CA LEU B 193 36.90 -30.41 17.43
C LEU B 193 36.68 -28.94 17.57
N ASP B 194 35.49 -28.53 17.19
CA ASP B 194 35.08 -27.14 17.23
C ASP B 194 33.94 -26.97 18.24
N VAL B 195 34.26 -26.36 19.37
CA VAL B 195 33.26 -26.20 20.41
C VAL B 195 32.85 -24.77 20.54
N ALA B 196 31.56 -24.53 20.52
CA ALA B 196 31.05 -23.17 20.65
C ALA B 196 29.62 -23.15 21.14
N ASP B 197 29.23 -21.97 21.63
CA ASP B 197 27.90 -21.74 22.12
C ASP B 197 27.16 -20.92 21.08
N VAL B 198 25.86 -20.76 21.30
CA VAL B 198 25.04 -19.97 20.39
C VAL B 198 25.26 -18.50 20.74
N PRO B 199 25.07 -17.58 19.78
CA PRO B 199 25.27 -16.13 20.03
C PRO B 199 24.37 -15.54 21.12
N ASP B 200 24.82 -14.43 21.72
CA ASP B 200 24.00 -13.75 22.73
C ASP B 200 22.87 -13.05 21.97
N PRO B 201 21.90 -12.48 22.69
CA PRO B 201 20.89 -11.86 21.84
C PRO B 201 21.29 -10.48 21.39
N PRO B 202 20.83 -10.07 20.21
CA PRO B 202 21.18 -8.73 19.76
C PRO B 202 20.47 -7.81 20.75
N ARG B 203 20.97 -6.59 20.89
CA ARG B 203 20.38 -5.65 21.83
C ARG B 203 20.11 -4.30 21.15
N GLY B 204 19.20 -3.55 21.76
CA GLY B 204 18.84 -2.24 21.24
C GLY B 204 18.15 -2.16 19.87
N VAL B 205 17.04 -2.87 19.71
CA VAL B 205 16.32 -2.81 18.45
C VAL B 205 15.62 -1.45 18.42
N LYS B 206 15.85 -0.67 17.37
CA LYS B 206 15.23 0.64 17.27
C LYS B 206 14.49 0.87 15.96
N VAL B 207 13.28 1.40 16.05
CA VAL B 207 12.50 1.68 14.84
C VAL B 207 12.83 3.08 14.34
N SER B 208 12.62 3.32 13.05
CA SER B 208 12.88 4.62 12.45
C SER B 208 12.33 4.68 11.05
N ASP B 209 12.60 5.78 10.37
CA ASP B 209 12.15 5.96 8.99
C ASP B 209 10.74 5.38 8.71
N VAL B 210 9.91 5.26 9.75
CA VAL B 210 8.55 4.69 9.63
C VAL B 210 7.78 5.11 8.38
N SER B 211 6.78 4.31 8.04
CA SER B 211 5.96 4.58 6.87
C SER B 211 4.63 3.84 6.98
N ARG B 212 3.77 4.03 5.99
CA ARG B 212 2.44 3.42 5.97
C ARG B 212 2.44 1.91 6.00
N ASP B 213 3.41 1.29 5.34
CA ASP B 213 3.48 -0.17 5.28
C ASP B 213 4.86 -0.73 5.56
N SER B 214 5.86 0.13 5.68
CA SER B 214 7.22 -0.34 5.90
C SER B 214 7.86 0.32 7.12
N VAL B 215 8.98 -0.24 7.57
CA VAL B 215 9.69 0.28 8.72
C VAL B 215 11.17 -0.04 8.66
N ASN B 216 11.99 0.82 9.23
CA ASN B 216 13.42 0.59 9.22
C ASN B 216 13.89 0.31 10.62
N LEU B 217 14.66 -0.76 10.77
CA LEU B 217 15.16 -1.15 12.08
C LEU B 217 16.67 -1.17 12.08
N THR B 218 17.21 -1.05 13.27
CA THR B 218 18.64 -1.13 13.46
C THR B 218 18.82 -1.63 14.88
N TRP B 219 19.93 -2.32 15.12
CA TRP B 219 20.23 -2.86 16.43
C TRP B 219 21.73 -2.95 16.58
N THR B 220 22.19 -3.58 17.65
CA THR B 220 23.64 -3.71 17.85
C THR B 220 24.03 -5.17 18.16
N GLU B 221 25.24 -5.54 17.73
CA GLU B 221 25.76 -6.90 17.94
C GLU B 221 25.56 -7.33 19.39
N PRO B 222 25.50 -8.65 19.64
CA PRO B 222 25.33 -9.08 21.04
C PRO B 222 26.65 -8.94 21.79
N ALA B 223 26.60 -9.13 23.10
CA ALA B 223 27.79 -9.06 23.94
C ALA B 223 28.86 -9.95 23.32
N SER B 224 28.61 -11.25 23.36
CA SER B 224 29.51 -12.22 22.78
C SER B 224 28.75 -13.02 21.72
N ASP B 225 29.47 -13.67 20.83
CA ASP B 225 28.83 -14.47 19.79
C ASP B 225 28.84 -15.97 20.13
N GLY B 226 29.12 -16.28 21.39
CA GLY B 226 29.12 -17.66 21.83
C GLY B 226 30.26 -18.52 21.33
N GLY B 227 31.16 -17.95 20.53
CA GLY B 227 32.27 -18.71 19.97
C GLY B 227 32.36 -18.55 18.47
N SER B 228 31.41 -19.09 17.74
CA SER B 228 31.42 -18.93 16.30
C SER B 228 30.91 -17.52 15.90
N LYS B 229 31.53 -16.99 14.85
CA LYS B 229 31.17 -15.70 14.27
C LYS B 229 29.67 -15.64 13.99
N ILE B 230 29.09 -14.44 14.07
CA ILE B 230 27.68 -14.27 13.77
C ILE B 230 27.64 -14.28 12.24
N THR B 231 26.71 -15.04 11.72
CA THR B 231 26.60 -15.21 10.30
C THR B 231 25.46 -14.38 9.68
N ASN B 232 24.41 -14.14 10.46
CA ASN B 232 23.24 -13.41 9.98
C ASN B 232 22.24 -13.23 11.13
N TYR B 233 21.26 -12.36 10.94
CA TYR B 233 20.26 -12.13 11.97
C TYR B 233 18.87 -12.44 11.45
N ILE B 234 17.99 -12.86 12.36
CA ILE B 234 16.62 -13.16 11.99
C ILE B 234 15.72 -12.04 12.55
N VAL B 235 14.77 -11.59 11.74
CA VAL B 235 13.84 -10.52 12.14
C VAL B 235 12.40 -11.04 12.32
N GLU B 236 11.79 -10.68 13.45
CA GLU B 236 10.42 -11.10 13.72
C GLU B 236 9.57 -9.89 14.09
N LYS B 237 8.38 -9.81 13.48
CA LYS B 237 7.41 -8.73 13.74
C LYS B 237 6.27 -9.27 14.58
N CYS B 238 5.66 -8.40 15.37
CA CYS B 238 4.53 -8.80 16.19
C CYS B 238 3.60 -7.64 16.46
N ALA B 239 2.43 -7.69 15.82
CA ALA B 239 1.42 -6.67 16.00
C ALA B 239 1.04 -6.61 17.49
N THR B 240 1.34 -5.50 18.16
CA THR B 240 1.05 -5.34 19.58
C THR B 240 -0.38 -5.73 19.96
N THR B 241 -1.29 -5.59 19.01
CA THR B 241 -2.69 -5.93 19.26
C THR B 241 -2.83 -7.44 19.48
N ALA B 242 -1.88 -8.23 18.98
CA ALA B 242 -1.93 -9.69 19.13
C ALA B 242 -0.56 -10.34 19.29
N GLU B 243 -0.26 -10.83 20.49
CA GLU B 243 1.02 -11.47 20.77
C GLU B 243 1.19 -12.76 19.97
N ARG B 244 1.94 -12.70 18.88
CA ARG B 244 2.17 -13.86 18.04
C ARG B 244 3.22 -13.52 16.99
N TRP B 245 4.48 -13.66 17.35
CA TRP B 245 5.55 -13.32 16.42
C TRP B 245 5.54 -14.05 15.09
N LEU B 246 6.21 -13.48 14.11
CA LEU B 246 6.28 -14.04 12.78
C LEU B 246 7.62 -13.65 12.16
N ARG B 247 8.24 -14.60 11.46
CA ARG B 247 9.54 -14.35 10.84
C ARG B 247 9.28 -13.39 9.70
N VAL B 248 10.17 -12.41 9.60
CA VAL B 248 10.07 -11.39 8.58
C VAL B 248 11.20 -11.50 7.57
N GLY B 249 12.42 -11.67 8.07
CA GLY B 249 13.55 -11.79 7.18
C GLY B 249 14.87 -12.00 7.90
N GLN B 250 15.94 -11.94 7.11
CA GLN B 250 17.28 -12.13 7.61
C GLN B 250 18.19 -11.11 6.97
N ALA B 251 19.20 -10.68 7.70
CA ALA B 251 20.11 -9.69 7.14
C ALA B 251 21.45 -9.90 7.76
N ARG B 252 22.49 -9.58 7.00
CA ARG B 252 23.85 -9.71 7.49
C ARG B 252 24.19 -8.54 8.37
N GLU B 253 23.83 -7.32 7.96
CA GLU B 253 24.12 -6.12 8.73
C GLU B 253 23.19 -5.94 9.90
N THR B 254 23.59 -5.10 10.86
CA THR B 254 22.76 -4.86 12.03
C THR B 254 21.57 -3.91 11.79
N ARG B 255 20.95 -4.04 10.62
CA ARG B 255 19.82 -3.20 10.25
C ARG B 255 18.98 -3.87 9.17
N TYR B 256 17.68 -3.62 9.21
CA TYR B 256 16.78 -4.22 8.24
C TYR B 256 15.52 -3.34 8.02
N THR B 257 14.98 -3.42 6.81
CA THR B 257 13.77 -2.70 6.48
C THR B 257 12.62 -3.69 6.34
N VAL B 258 11.67 -3.67 7.28
CA VAL B 258 10.52 -4.56 7.25
C VAL B 258 9.47 -4.02 6.30
N ILE B 259 8.65 -4.90 5.74
CA ILE B 259 7.62 -4.39 4.86
C ILE B 259 6.36 -5.23 4.92
N ASN B 260 5.49 -5.08 3.94
CA ASN B 260 4.24 -5.83 3.93
C ASN B 260 3.57 -5.66 5.28
N LEU B 261 3.56 -4.43 5.80
CA LEU B 261 2.93 -4.13 7.09
C LEU B 261 1.56 -3.54 6.85
N PHE B 262 0.74 -3.50 7.89
CA PHE B 262 -0.63 -3.04 7.74
C PHE B 262 -0.98 -1.57 7.74
N GLY B 263 -0.11 -0.73 8.29
CA GLY B 263 -0.43 0.69 8.30
C GLY B 263 -1.48 0.98 9.36
N LYS B 264 -1.34 2.12 10.00
CA LYS B 264 -2.27 2.50 11.06
C LYS B 264 -2.34 1.35 12.04
N THR B 265 -1.17 0.75 12.33
CA THR B 265 -1.11 -0.38 13.25
C THR B 265 0.09 -0.36 14.20
N SER B 266 -0.13 -0.82 15.42
CA SER B 266 0.93 -0.86 16.40
C SER B 266 1.64 -2.21 16.27
N TYR B 267 2.93 -2.13 15.94
CA TYR B 267 3.79 -3.27 15.74
C TYR B 267 5.00 -3.30 16.66
N GLN B 268 5.52 -4.50 16.89
CA GLN B 268 6.72 -4.66 17.70
C GLN B 268 7.70 -5.55 16.97
N PHE B 269 8.99 -5.32 17.19
CA PHE B 269 9.99 -6.10 16.49
C PHE B 269 11.07 -6.61 17.42
N ARG B 270 11.56 -7.82 17.15
CA ARG B 270 12.66 -8.38 17.93
C ARG B 270 13.65 -8.99 16.93
N VAL B 271 14.90 -9.14 17.37
CA VAL B 271 15.93 -9.70 16.50
C VAL B 271 16.66 -10.89 17.11
N ILE B 272 17.08 -11.81 16.24
CA ILE B 272 17.81 -12.99 16.68
C ILE B 272 19.11 -13.07 15.93
N ALA B 273 20.19 -13.29 16.69
CA ALA B 273 21.53 -13.42 16.13
C ALA B 273 21.84 -14.91 15.92
N GLU B 274 22.53 -15.24 14.84
CA GLU B 274 22.83 -16.64 14.56
C GLU B 274 24.25 -16.91 14.08
N ASN B 275 24.69 -18.14 14.25
CA ASN B 275 26.00 -18.56 13.79
C ASN B 275 26.00 -20.06 13.47
N LYS B 276 27.17 -20.58 13.11
CA LYS B 276 27.34 -21.99 12.76
C LYS B 276 26.63 -22.90 13.74
N PHE B 277 26.60 -22.50 15.00
CA PHE B 277 25.98 -23.30 16.04
C PHE B 277 24.49 -23.13 16.23
N GLY B 278 23.92 -22.03 15.77
CA GLY B 278 22.50 -21.86 15.92
C GLY B 278 22.00 -20.50 16.33
N LEU B 279 20.75 -20.47 16.75
CA LEU B 279 20.08 -19.25 17.13
C LEU B 279 20.18 -18.88 18.60
N SER B 280 20.25 -17.58 18.85
CA SER B 280 20.31 -17.04 20.20
C SER B 280 18.87 -16.85 20.68
N LYS B 281 18.70 -16.48 21.94
CA LYS B 281 17.37 -16.20 22.46
C LYS B 281 16.96 -14.92 21.72
N PRO B 282 15.69 -14.51 21.80
CA PRO B 282 15.45 -13.28 21.07
C PRO B 282 15.90 -12.08 21.90
N SER B 283 16.02 -10.94 21.23
CA SER B 283 16.40 -9.69 21.87
C SER B 283 15.14 -9.15 22.54
N GLU B 284 15.27 -8.03 23.24
CA GLU B 284 14.10 -7.43 23.86
C GLU B 284 13.36 -6.71 22.73
N PRO B 285 12.03 -6.78 22.73
CA PRO B 285 11.22 -6.15 21.69
C PRO B 285 11.31 -4.63 21.70
N SER B 286 11.36 -4.07 20.51
CA SER B 286 11.43 -2.64 20.32
C SER B 286 10.16 -2.00 20.83
N GLU B 287 10.27 -0.72 21.19
CA GLU B 287 9.13 0.05 21.66
C GLU B 287 8.07 -0.01 20.58
N PRO B 288 6.81 -0.23 20.98
CA PRO B 288 5.71 -0.32 20.01
C PRO B 288 5.62 0.96 19.20
N THR B 289 5.29 0.85 17.92
CA THR B 289 5.13 2.03 17.06
C THR B 289 3.99 1.79 16.08
N ILE B 290 3.49 2.84 15.44
CA ILE B 290 2.37 2.64 14.52
C ILE B 290 2.69 3.06 13.09
N THR B 291 2.11 2.35 12.13
CA THR B 291 2.39 2.65 10.74
C THR B 291 1.67 3.88 10.16
N LYS B 292 2.28 5.06 10.36
CA LYS B 292 1.72 6.34 9.92
C LYS B 292 2.19 6.88 8.56
N GLU B 293 1.53 7.96 8.13
CA GLU B 293 1.79 8.67 6.88
C GLU B 293 1.47 7.90 5.60
#